data_8K73
#
_entry.id   8K73
#
_cell.length_a   86.609
_cell.length_b   86.609
_cell.length_c   145.259
_cell.angle_alpha   90.000
_cell.angle_beta   90.000
_cell.angle_gamma   90.000
#
_symmetry.space_group_name_H-M   'P 41 21 2'
#
loop_
_entity.id
_entity.type
_entity.pdbx_description
1 polymer 'Hypoxia-inducible factor 1-alpha inhibitor'
2 non-polymer 'SULFATE ION'
3 non-polymer GLYCEROL
4 non-polymer 'ZINC ION'
5 non-polymer '2-[(2~{Z})-3-oxidanyl-2-[(3~{R})-1-(phenylsulfonyl)pyrrolidin-3-yl]carbonylimino-1,3-thiazol-4-yl]ethanoic acid'
6 water water
#
_entity_poly.entity_id   1
_entity_poly.type   'polypeptide(L)'
_entity_poly.pdbx_seq_one_letter_code
;MAATAAEAVASGSGEPREEAGALGPAWDESQLRSYSFPTRPIPRLSQSDPRAEELIENEEPVVLTDTNLVYPALKWDLEY
LQENIGNGDFSVYSASTHKFLYYDEKKMANFQNFKPRSNREEMKFHEFVEKLQDIQQRGGEERLYLQQTLNDTVGRKIVM
DFLGFNWNWINKQQGKRGWGQLTSNLLLIGMEGNVTPAHYDEQQNFFAQIKGYKRCILFPPDQFECLYPYPVHHPCDRQS
QVDFDNPDYERFPNFQNVVGYETVVGPGDVLYIPMYWWHHIESLLNGGITITVNFWYKGAPTPKRIEYPLKAHQKVAIMR
NIEKMLGEALGNPQEVGPLLNTMIKGRYN
;
_entity_poly.pdbx_strand_id   A
#
loop_
_chem_comp.id
_chem_comp.type
_chem_comp.name
_chem_comp.formula
GOL non-polymer GLYCEROL 'C3 H8 O3'
SO4 non-polymer 'SULFATE ION' 'O4 S -2'
VK6 non-polymer '2-[(2~{Z})-3-oxidanyl-2-[(3~{R})-1-(phenylsulfonyl)pyrrolidin-3-yl]carbonylimino-1,3-thiazol-4-yl]ethanoic acid' 'C16 H17 N3 O6 S2'
ZN non-polymer 'ZINC ION' 'Zn 2'
#
# COMPACT_ATOMS: atom_id res chain seq x y z
N GLY A 12 19.40 -0.11 5.15
CA GLY A 12 17.98 -0.11 4.84
C GLY A 12 17.31 -1.44 5.08
N SER A 13 17.44 -2.34 4.11
CA SER A 13 16.86 -3.68 4.18
C SER A 13 17.86 -4.72 4.67
N GLY A 14 19.07 -4.29 5.05
CA GLY A 14 20.10 -5.21 5.49
C GLY A 14 20.70 -5.99 4.33
N GLU A 15 21.68 -6.82 4.66
CA GLU A 15 22.25 -7.70 3.66
C GLU A 15 21.19 -8.69 3.19
N PRO A 16 21.09 -8.94 1.88
CA PRO A 16 19.98 -9.76 1.37
C PRO A 16 20.01 -11.17 1.93
N ARG A 17 18.82 -11.70 2.18
CA ARG A 17 18.71 -13.05 2.71
C ARG A 17 19.15 -14.08 1.68
N GLU A 18 19.67 -15.20 2.17
CA GLU A 18 20.09 -16.31 1.33
C GLU A 18 18.96 -17.33 1.26
N GLU A 19 18.57 -17.68 0.04
CA GLU A 19 17.52 -18.68 -0.14
C GLU A 19 18.04 -20.07 0.22
N ALA A 20 17.13 -20.93 0.67
CA ALA A 20 17.49 -22.28 1.05
C ALA A 20 18.04 -23.05 -0.14
N GLY A 21 18.77 -24.11 0.16
CA GLY A 21 19.38 -24.93 -0.87
C GLY A 21 20.51 -24.29 -1.62
N ALA A 22 21.10 -23.21 -1.08
CA ALA A 22 22.24 -22.53 -1.69
C ALA A 22 21.90 -21.99 -3.09
N LEU A 23 20.68 -21.48 -3.24
CA LEU A 23 20.21 -20.95 -4.52
C LEU A 23 20.58 -19.49 -4.72
N GLY A 24 21.50 -18.94 -3.92
CA GLY A 24 21.97 -17.59 -4.10
C GLY A 24 21.17 -16.56 -3.32
N PRO A 25 21.62 -15.31 -3.37
CA PRO A 25 20.88 -14.25 -2.68
C PRO A 25 19.54 -13.99 -3.37
N ALA A 26 18.52 -13.73 -2.57
CA ALA A 26 17.18 -13.51 -3.12
C ALA A 26 17.12 -12.26 -3.97
N TRP A 27 17.91 -11.24 -3.63
CA TRP A 27 18.04 -10.04 -4.43
C TRP A 27 19.40 -9.43 -4.14
N ASP A 28 19.70 -8.34 -4.85
CA ASP A 28 20.88 -7.54 -4.54
C ASP A 28 20.50 -6.06 -4.63
N GLU A 29 21.35 -5.22 -4.05
CA GLU A 29 21.00 -3.81 -3.87
C GLU A 29 20.77 -3.08 -5.18
N SER A 30 21.21 -3.64 -6.31
CA SER A 30 21.00 -2.98 -7.59
C SER A 30 19.56 -3.07 -8.07
N GLN A 31 18.72 -3.87 -7.43
CA GLN A 31 17.30 -3.95 -7.75
C GLN A 31 16.47 -2.95 -6.96
N LEU A 32 17.10 -2.18 -6.08
CA LEU A 32 16.41 -1.16 -5.29
C LEU A 32 16.62 0.21 -5.92
N ARG A 33 15.57 1.02 -5.91
CA ARG A 33 15.67 2.37 -6.42
C ARG A 33 16.40 3.27 -5.43
N SER A 34 16.91 4.39 -5.93
N SER A 34 16.92 4.38 -5.93
CA SER A 34 17.71 5.32 -5.14
CA SER A 34 17.72 5.31 -5.14
C SER A 34 16.85 6.50 -4.72
C SER A 34 16.87 6.50 -4.72
N TYR A 35 16.84 6.78 -3.42
CA TYR A 35 16.08 7.89 -2.87
C TYR A 35 16.96 8.69 -1.92
N SER A 36 16.45 9.84 -1.49
CA SER A 36 17.24 10.83 -0.77
C SER A 36 17.19 10.69 0.75
N PHE A 37 16.37 9.78 1.27
CA PHE A 37 16.15 9.72 2.71
C PHE A 37 16.75 8.45 3.31
N PRO A 38 17.17 8.49 4.57
CA PRO A 38 17.65 7.28 5.23
C PRO A 38 16.50 6.42 5.71
N THR A 39 16.82 5.15 5.98
CA THR A 39 15.83 4.21 6.49
C THR A 39 16.45 3.34 7.57
N ARG A 40 15.59 2.75 8.39
CA ARG A 40 15.92 1.72 9.34
C ARG A 40 15.12 0.46 9.04
N PRO A 41 15.65 -0.72 9.36
CA PRO A 41 14.94 -1.96 8.99
C PRO A 41 13.71 -2.21 9.85
N ILE A 42 12.66 -2.69 9.21
CA ILE A 42 11.51 -3.26 9.92
C ILE A 42 11.90 -4.64 10.43
N PRO A 43 11.58 -4.99 11.68
CA PRO A 43 12.01 -6.30 12.20
C PRO A 43 11.32 -7.44 11.48
N ARG A 44 12.09 -8.51 11.23
CA ARG A 44 11.57 -9.76 10.69
C ARG A 44 11.56 -10.77 11.84
N LEU A 45 10.38 -11.20 12.25
CA LEU A 45 10.23 -12.02 13.45
C LEU A 45 9.35 -13.23 13.16
N SER A 46 9.41 -14.20 14.07
CA SER A 46 8.46 -15.30 14.07
C SER A 46 7.13 -14.83 14.65
N GLN A 47 6.04 -15.39 14.13
CA GLN A 47 4.73 -15.06 14.68
C GLN A 47 4.59 -15.52 16.13
N SER A 48 5.39 -16.49 16.56
CA SER A 48 5.39 -16.95 17.94
C SER A 48 6.24 -16.07 18.85
N ASP A 49 6.96 -15.10 18.29
CA ASP A 49 7.80 -14.22 19.10
C ASP A 49 6.92 -13.16 19.76
N PRO A 50 6.95 -13.02 21.09
CA PRO A 50 6.17 -11.97 21.73
C PRO A 50 6.54 -10.56 21.29
N ARG A 51 7.79 -10.35 20.83
CA ARG A 51 8.16 -9.04 20.28
C ARG A 51 7.26 -8.67 19.12
N ALA A 52 6.87 -9.65 18.30
CA ALA A 52 6.00 -9.37 17.16
C ALA A 52 4.59 -9.04 17.62
N GLU A 53 4.11 -9.70 18.68
CA GLU A 53 2.82 -9.33 19.24
C GLU A 53 2.87 -7.94 19.85
N GLU A 54 3.99 -7.59 20.49
CA GLU A 54 4.14 -6.27 21.07
C GLU A 54 4.09 -5.19 19.99
N LEU A 55 4.75 -5.43 18.86
CA LEU A 55 4.77 -4.45 17.78
C LEU A 55 3.37 -4.23 17.23
N ILE A 56 2.65 -5.31 16.92
CA ILE A 56 1.31 -5.19 16.34
C ILE A 56 0.37 -4.49 17.31
N GLU A 57 0.47 -4.83 18.61
CA GLU A 57 -0.38 -4.18 19.60
C GLU A 57 -0.09 -2.69 19.70
N ASN A 58 1.18 -2.30 19.56
CA ASN A 58 1.56 -0.89 19.58
C ASN A 58 1.40 -0.23 18.21
N GLU A 59 0.75 -0.89 17.26
CA GLU A 59 0.54 -0.36 15.91
C GLU A 59 1.85 0.08 15.28
N GLU A 60 2.85 -0.80 15.34
CA GLU A 60 4.11 -0.62 14.66
C GLU A 60 4.31 -1.74 13.65
N PRO A 61 4.95 -1.45 12.52
CA PRO A 61 5.09 -2.48 11.49
C PRO A 61 5.99 -3.61 11.93
N VAL A 62 5.75 -4.79 11.36
CA VAL A 62 6.58 -5.96 11.60
C VAL A 62 6.38 -6.92 10.43
N VAL A 63 7.45 -7.62 10.07
CA VAL A 63 7.39 -8.68 9.07
C VAL A 63 7.38 -10.01 9.80
N LEU A 64 6.28 -10.74 9.66
CA LEU A 64 6.18 -12.10 10.20
C LEU A 64 6.60 -13.07 9.12
N THR A 65 7.51 -13.99 9.48
CA THR A 65 8.14 -14.87 8.50
C THR A 65 7.46 -16.23 8.37
N ASP A 66 6.60 -16.62 9.31
CA ASP A 66 6.15 -18.00 9.39
C ASP A 66 4.68 -18.10 9.77
N THR A 67 3.85 -17.22 9.22
CA THR A 67 2.42 -17.32 9.48
C THR A 67 1.77 -18.45 8.70
N ASN A 68 2.31 -18.79 7.53
CA ASN A 68 1.64 -19.66 6.57
C ASN A 68 0.27 -19.10 6.19
N LEU A 69 0.14 -17.77 6.24
CA LEU A 69 -1.14 -17.13 5.99
C LEU A 69 -1.68 -17.50 4.61
N VAL A 70 -0.87 -17.37 3.57
CA VAL A 70 -1.30 -17.70 2.21
C VAL A 70 -0.49 -18.87 1.67
N TYR A 71 -0.16 -19.83 2.53
CA TYR A 71 0.63 -20.99 2.12
C TYR A 71 0.13 -21.67 0.84
N PRO A 72 -1.16 -21.96 0.67
CA PRO A 72 -1.59 -22.60 -0.58
C PRO A 72 -1.41 -21.72 -1.81
N ALA A 73 -1.27 -20.41 -1.64
CA ALA A 73 -1.12 -19.51 -2.77
C ALA A 73 0.31 -19.40 -3.26
N LEU A 74 1.29 -19.95 -2.54
CA LEU A 74 2.68 -19.82 -2.95
C LEU A 74 2.96 -20.50 -4.29
N LYS A 75 2.12 -21.45 -4.69
CA LYS A 75 2.24 -22.09 -5.98
C LYS A 75 1.64 -21.28 -7.12
N TRP A 76 1.11 -20.10 -6.83
CA TRP A 76 0.45 -19.31 -7.87
C TRP A 76 1.45 -18.74 -8.85
N ASP A 77 1.09 -18.78 -10.13
CA ASP A 77 1.74 -18.00 -11.17
C ASP A 77 0.67 -17.66 -12.20
N LEU A 78 1.09 -17.05 -13.31
CA LEU A 78 0.12 -16.60 -14.30
C LEU A 78 -0.61 -17.77 -14.95
N GLU A 79 0.12 -18.86 -15.24
CA GLU A 79 -0.50 -20.02 -15.87
C GLU A 79 -1.56 -20.64 -14.97
N TYR A 80 -1.21 -20.87 -13.70
CA TYR A 80 -2.16 -21.47 -12.78
C TYR A 80 -3.34 -20.54 -12.52
N LEU A 81 -3.09 -19.24 -12.45
CA LEU A 81 -4.17 -18.30 -12.20
C LEU A 81 -5.08 -18.17 -13.42
N GLN A 82 -4.50 -17.96 -14.60
CA GLN A 82 -5.30 -17.90 -15.82
C GLN A 82 -6.15 -19.16 -15.98
N GLU A 83 -5.63 -20.32 -15.55
CA GLU A 83 -6.36 -21.57 -15.70
C GLU A 83 -7.53 -21.64 -14.73
N ASN A 84 -7.39 -21.12 -13.51
CA ASN A 84 -8.32 -21.39 -12.44
C ASN A 84 -9.01 -20.19 -11.82
N ILE A 85 -8.60 -18.96 -12.13
CA ILE A 85 -9.14 -17.80 -11.43
C ILE A 85 -10.54 -17.41 -11.90
N GLY A 86 -11.03 -18.01 -12.99
CA GLY A 86 -12.39 -17.76 -13.44
C GLY A 86 -12.46 -16.80 -14.61
N ASN A 87 -13.68 -16.40 -14.92
CA ASN A 87 -13.96 -15.58 -16.10
C ASN A 87 -14.47 -14.19 -15.75
N GLY A 88 -14.29 -13.75 -14.51
CA GLY A 88 -14.70 -12.43 -14.11
C GLY A 88 -13.84 -11.34 -14.73
N ASP A 89 -14.23 -10.10 -14.45
CA ASP A 89 -13.46 -8.94 -14.87
C ASP A 89 -12.39 -8.62 -13.84
N PHE A 90 -11.25 -8.13 -14.33
CA PHE A 90 -10.13 -7.74 -13.47
C PHE A 90 -9.73 -6.32 -13.79
N SER A 91 -9.70 -5.46 -12.78
CA SER A 91 -9.22 -4.10 -12.94
C SER A 91 -7.72 -4.12 -13.18
N VAL A 92 -7.29 -3.55 -14.30
CA VAL A 92 -5.88 -3.47 -14.67
C VAL A 92 -5.53 -2.01 -14.91
N TYR A 93 -4.55 -1.50 -14.18
CA TYR A 93 -4.13 -0.12 -14.29
C TYR A 93 -2.89 -0.01 -15.17
N SER A 94 -2.87 1.00 -16.03
CA SER A 94 -1.75 1.25 -16.92
C SER A 94 -0.93 2.43 -16.41
N ALA A 95 0.26 2.59 -16.99
CA ALA A 95 1.14 3.68 -16.61
C ALA A 95 2.22 3.82 -17.67
N SER A 96 2.54 5.07 -18.01
CA SER A 96 3.62 5.32 -18.96
C SER A 96 4.98 5.24 -18.30
N THR A 97 5.06 5.51 -17.00
CA THR A 97 6.29 5.40 -16.23
C THR A 97 6.09 4.39 -15.10
N HIS A 98 7.14 4.20 -14.30
CA HIS A 98 7.09 3.24 -13.20
C HIS A 98 6.16 3.68 -12.08
N LYS A 99 5.81 4.97 -12.02
CA LYS A 99 4.93 5.49 -10.97
C LYS A 99 3.49 5.44 -11.44
N PHE A 100 2.68 4.63 -10.75
CA PHE A 100 1.26 4.53 -11.05
C PHE A 100 0.51 5.64 -10.33
N LEU A 101 -0.30 6.38 -11.09
CA LEU A 101 -0.98 7.58 -10.60
C LEU A 101 -2.44 7.22 -10.33
N TYR A 102 -2.73 6.84 -9.09
CA TYR A 102 -4.10 6.53 -8.70
C TYR A 102 -4.83 7.80 -8.27
N TYR A 103 -6.15 7.76 -8.36
CA TYR A 103 -6.96 8.91 -8.01
C TYR A 103 -8.40 8.48 -7.77
N ASP A 104 -9.06 9.22 -6.88
CA ASP A 104 -10.48 9.02 -6.60
C ASP A 104 -11.30 9.65 -7.72
N GLU A 105 -11.94 8.81 -8.54
CA GLU A 105 -12.71 9.31 -9.66
C GLU A 105 -13.93 10.11 -9.21
N LYS A 106 -14.42 9.89 -7.99
CA LYS A 106 -15.55 10.66 -7.50
C LYS A 106 -15.17 12.10 -7.19
N LYS A 107 -13.92 12.32 -6.78
CA LYS A 107 -13.44 13.65 -6.44
C LYS A 107 -12.91 14.42 -7.64
N MET A 108 -12.90 13.81 -8.84
CA MET A 108 -12.40 14.50 -10.02
C MET A 108 -13.25 15.70 -10.40
N ALA A 109 -14.50 15.76 -9.94
CA ALA A 109 -15.36 16.90 -10.28
C ALA A 109 -14.85 18.18 -9.64
N ASN A 110 -14.30 18.08 -8.44
CA ASN A 110 -13.86 19.28 -7.71
C ASN A 110 -12.64 19.92 -8.33
N PHE A 111 -11.85 19.19 -9.12
CA PHE A 111 -10.61 19.69 -9.69
C PHE A 111 -10.68 19.52 -11.21
N GLN A 112 -11.30 20.50 -11.86
CA GLN A 112 -11.48 20.44 -13.30
C GLN A 112 -10.15 20.45 -14.04
N ASN A 113 -9.13 21.10 -13.48
CA ASN A 113 -7.81 21.16 -14.10
C ASN A 113 -6.92 20.01 -13.65
N PHE A 114 -7.48 18.79 -13.66
CA PHE A 114 -6.75 17.59 -13.27
C PHE A 114 -6.64 16.66 -14.46
N LYS A 115 -5.42 16.37 -14.88
CA LYS A 115 -5.18 15.47 -16.00
C LYS A 115 -4.81 14.10 -15.48
N PRO A 116 -5.63 13.08 -15.70
CA PRO A 116 -5.30 11.74 -15.20
C PRO A 116 -4.33 11.00 -16.11
N ARG A 117 -3.41 10.26 -15.50
CA ARG A 117 -2.31 9.65 -16.24
C ARG A 117 -2.14 8.15 -16.02
N SER A 118 -2.94 7.52 -15.18
CA SER A 118 -2.90 6.07 -14.98
C SER A 118 -4.34 5.56 -15.04
N ASN A 119 -4.78 5.21 -16.24
CA ASN A 119 -6.18 4.87 -16.47
C ASN A 119 -6.45 3.41 -16.15
N ARG A 120 -7.65 3.16 -15.64
CA ARG A 120 -8.11 1.81 -15.31
C ARG A 120 -8.79 1.19 -16.53
N GLU A 121 -8.75 -0.14 -16.60
CA GLU A 121 -9.38 -0.85 -17.70
C GLU A 121 -9.73 -2.25 -17.24
N GLU A 122 -11.01 -2.60 -17.27
N GLU A 122 -11.02 -2.59 -17.28
CA GLU A 122 -11.44 -3.93 -16.86
CA GLU A 122 -11.46 -3.92 -16.90
C GLU A 122 -11.32 -4.91 -18.03
C GLU A 122 -11.27 -4.90 -18.05
N MET A 123 -10.82 -6.10 -17.73
CA MET A 123 -10.58 -7.11 -18.74
C MET A 123 -10.60 -8.49 -18.08
N LYS A 124 -10.59 -9.53 -18.91
CA LYS A 124 -10.49 -10.88 -18.41
C LYS A 124 -9.04 -11.21 -18.09
N PHE A 125 -8.85 -12.21 -17.23
CA PHE A 125 -7.50 -12.55 -16.78
C PHE A 125 -6.63 -13.01 -17.94
N HIS A 126 -7.20 -13.80 -18.86
CA HIS A 126 -6.42 -14.28 -20.00
C HIS A 126 -6.00 -13.14 -20.91
N GLU A 127 -6.76 -12.04 -20.92
CA GLU A 127 -6.37 -10.88 -21.72
C GLU A 127 -5.19 -10.15 -21.09
N PHE A 128 -5.23 -9.94 -19.78
CA PHE A 128 -4.12 -9.29 -19.08
C PHE A 128 -2.84 -10.10 -19.20
N VAL A 129 -2.93 -11.43 -19.26
CA VAL A 129 -1.74 -12.26 -19.36
C VAL A 129 -1.09 -12.10 -20.73
N GLU A 130 -1.89 -12.21 -21.80
CA GLU A 130 -1.34 -12.05 -23.13
C GLU A 130 -1.04 -10.60 -23.49
N LYS A 131 -1.67 -9.64 -22.80
CA LYS A 131 -1.27 -8.25 -22.99
C LYS A 131 0.08 -7.97 -22.36
N LEU A 132 0.41 -8.66 -21.26
CA LEU A 132 1.74 -8.53 -20.68
C LEU A 132 2.78 -9.23 -21.54
N GLN A 133 2.43 -10.40 -22.09
CA GLN A 133 3.31 -11.05 -23.05
C GLN A 133 3.45 -10.24 -24.33
N ASP A 134 2.40 -9.50 -24.70
CA ASP A 134 2.48 -8.60 -25.84
C ASP A 134 3.57 -7.55 -25.63
N ILE A 135 3.60 -6.94 -24.44
CA ILE A 135 4.53 -5.86 -24.17
C ILE A 135 5.97 -6.37 -24.14
N GLN A 136 6.20 -7.53 -23.51
CA GLN A 136 7.56 -7.99 -23.25
C GLN A 136 8.33 -8.23 -24.55
N GLN A 137 7.67 -8.82 -25.56
CA GLN A 137 8.37 -9.14 -26.79
C GLN A 137 8.47 -7.95 -27.73
N ARG A 138 7.48 -7.05 -27.74
CA ARG A 138 7.60 -5.83 -28.53
C ARG A 138 8.52 -4.81 -27.89
N GLY A 139 9.11 -5.12 -26.73
CA GLY A 139 10.05 -4.23 -26.08
C GLY A 139 9.48 -2.94 -25.55
N GLY A 140 8.15 -2.83 -25.47
CA GLY A 140 7.54 -1.59 -25.02
C GLY A 140 7.88 -1.27 -23.58
N GLU A 141 7.65 0.00 -23.22
CA GLU A 141 7.92 0.48 -21.87
C GLU A 141 6.65 0.72 -21.08
N GLU A 142 5.49 0.33 -21.61
CA GLU A 142 4.24 0.47 -20.88
C GLU A 142 4.16 -0.55 -19.76
N ARG A 143 3.70 -0.11 -18.59
CA ARG A 143 3.57 -0.97 -17.42
C ARG A 143 2.11 -1.23 -17.12
N LEU A 144 1.85 -2.37 -16.49
CA LEU A 144 0.51 -2.76 -16.10
C LEU A 144 0.52 -3.23 -14.65
N TYR A 145 -0.62 -3.08 -13.98
CA TYR A 145 -0.75 -3.46 -12.58
C TYR A 145 -2.18 -3.96 -12.35
N LEU A 146 -2.34 -5.27 -12.18
CA LEU A 146 -3.64 -5.84 -11.88
C LEU A 146 -3.92 -5.73 -10.39
N GLN A 147 -5.08 -5.15 -10.04
CA GLN A 147 -5.48 -4.96 -8.65
C GLN A 147 -6.98 -5.24 -8.58
N GLN A 148 -7.35 -6.45 -8.17
CA GLN A 148 -8.74 -6.88 -8.17
C GLN A 148 -9.11 -7.53 -6.85
N THR A 149 -10.23 -7.09 -6.28
CA THR A 149 -10.78 -7.74 -5.09
C THR A 149 -11.27 -9.14 -5.43
N LEU A 150 -10.88 -10.11 -4.61
CA LEU A 150 -11.31 -11.49 -4.84
C LEU A 150 -12.79 -11.63 -4.52
N ASN A 151 -13.54 -12.21 -5.44
CA ASN A 151 -15.00 -12.29 -5.31
C ASN A 151 -15.46 -13.73 -5.47
N ASP A 152 -16.76 -13.91 -5.69
CA ASP A 152 -17.37 -15.23 -5.81
C ASP A 152 -17.07 -15.90 -7.16
N THR A 153 -16.67 -15.12 -8.17
CA THR A 153 -16.56 -15.62 -9.54
C THR A 153 -15.24 -16.31 -9.82
N VAL A 154 -14.56 -16.83 -8.81
CA VAL A 154 -13.29 -17.52 -9.00
C VAL A 154 -13.54 -19.02 -9.03
N GLY A 155 -12.68 -19.74 -9.75
CA GLY A 155 -12.87 -21.16 -9.94
C GLY A 155 -12.67 -21.95 -8.65
N ARG A 156 -13.12 -23.20 -8.70
CA ARG A 156 -13.13 -24.06 -7.52
C ARG A 156 -11.73 -24.19 -6.92
N LYS A 157 -10.70 -24.29 -7.77
CA LYS A 157 -9.34 -24.48 -7.28
C LYS A 157 -8.86 -23.28 -6.48
N ILE A 158 -9.19 -22.07 -6.93
CA ILE A 158 -8.81 -20.89 -6.17
C ILE A 158 -9.61 -20.80 -4.87
N VAL A 159 -10.87 -21.27 -4.89
CA VAL A 159 -11.64 -21.33 -3.66
C VAL A 159 -10.98 -22.26 -2.66
N MET A 160 -10.51 -23.42 -3.13
CA MET A 160 -9.80 -24.35 -2.26
C MET A 160 -8.53 -23.72 -1.67
N ASP A 161 -7.75 -23.05 -2.52
CA ASP A 161 -6.56 -22.34 -2.05
C ASP A 161 -6.93 -21.28 -1.02
N PHE A 162 -7.94 -20.47 -1.34
CA PHE A 162 -8.43 -19.44 -0.43
C PHE A 162 -8.85 -20.05 0.91
N LEU A 163 -9.56 -21.17 0.87
CA LEU A 163 -9.96 -21.84 2.11
C LEU A 163 -8.75 -22.35 2.88
N GLY A 164 -7.63 -22.59 2.20
CA GLY A 164 -6.41 -23.04 2.85
C GLY A 164 -5.60 -21.98 3.54
N PHE A 165 -6.04 -20.72 3.51
CA PHE A 165 -5.32 -19.68 4.20
C PHE A 165 -5.38 -19.92 5.71
N ASN A 166 -4.42 -19.35 6.44
CA ASN A 166 -4.35 -19.54 7.89
C ASN A 166 -5.35 -18.60 8.57
N TRP A 167 -6.63 -18.95 8.41
CA TRP A 167 -7.68 -18.17 9.04
C TRP A 167 -7.63 -18.28 10.56
N ASN A 168 -7.14 -19.40 11.09
CA ASN A 168 -6.98 -19.52 12.53
C ASN A 168 -6.10 -18.40 13.08
N TRP A 169 -4.92 -18.20 12.47
CA TRP A 169 -3.99 -17.20 12.98
C TRP A 169 -4.54 -15.80 12.82
N ILE A 170 -5.03 -15.45 11.62
CA ILE A 170 -5.39 -14.06 11.37
C ILE A 170 -6.68 -13.68 12.09
N ASN A 171 -7.61 -14.62 12.28
CA ASN A 171 -8.80 -14.31 13.03
C ASN A 171 -8.47 -14.06 14.49
N LYS A 172 -7.51 -14.82 15.04
CA LYS A 172 -7.05 -14.55 16.41
C LYS A 172 -6.42 -13.17 16.50
N GLN A 173 -5.72 -12.74 15.44
CA GLN A 173 -5.19 -11.38 15.41
C GLN A 173 -6.30 -10.35 15.38
N GLN A 174 -7.36 -10.61 14.62
CA GLN A 174 -8.45 -9.64 14.48
C GLN A 174 -9.17 -9.43 15.80
N GLY A 175 -9.36 -10.50 16.58
CA GLY A 175 -10.03 -10.40 17.86
C GLY A 175 -9.17 -9.83 18.95
N LYS A 176 -7.88 -10.20 18.95
CA LYS A 176 -6.97 -9.71 19.99
C LYS A 176 -6.83 -8.19 19.95
N ARG A 177 -6.79 -7.62 18.75
CA ARG A 177 -6.62 -6.19 18.58
C ARG A 177 -7.94 -5.43 18.55
N GLY A 178 -9.07 -6.13 18.64
CA GLY A 178 -10.36 -5.47 18.61
C GLY A 178 -10.75 -4.87 17.28
N TRP A 179 -10.12 -5.31 16.19
CA TRP A 179 -10.41 -4.75 14.88
C TRP A 179 -11.81 -5.12 14.41
N GLY A 180 -12.32 -4.32 13.48
CA GLY A 180 -13.50 -4.70 12.74
C GLY A 180 -13.24 -5.92 11.88
N GLN A 181 -14.29 -6.35 11.19
N GLN A 181 -14.28 -6.34 11.18
CA GLN A 181 -14.15 -7.57 10.40
CA GLN A 181 -14.22 -7.53 10.34
C GLN A 181 -13.43 -7.27 9.08
C GLN A 181 -13.43 -7.25 9.07
N LEU A 182 -12.99 -8.34 8.42
CA LEU A 182 -12.28 -8.23 7.16
C LEU A 182 -13.15 -7.55 6.11
N THR A 183 -12.61 -6.52 5.47
CA THR A 183 -13.38 -5.79 4.48
C THR A 183 -13.23 -6.37 3.07
N SER A 184 -11.99 -6.67 2.66
CA SER A 184 -11.78 -7.27 1.35
C SER A 184 -10.38 -7.85 1.27
N ASN A 185 -10.19 -8.71 0.26
CA ASN A 185 -8.89 -9.23 -0.12
C ASN A 185 -8.55 -8.68 -1.49
N LEU A 186 -7.39 -8.04 -1.61
CA LEU A 186 -6.95 -7.45 -2.87
C LEU A 186 -5.83 -8.29 -3.45
N LEU A 187 -6.05 -8.82 -4.65
CA LEU A 187 -5.01 -9.54 -5.38
C LEU A 187 -4.24 -8.53 -6.23
N LEU A 188 -2.92 -8.49 -6.05
CA LEU A 188 -2.05 -7.55 -6.75
C LEU A 188 -1.04 -8.34 -7.58
N ILE A 189 -1.09 -8.17 -8.89
CA ILE A 189 -0.09 -8.74 -9.79
C ILE A 189 0.54 -7.58 -10.55
N GLY A 190 1.85 -7.39 -10.38
CA GLY A 190 2.53 -6.26 -10.95
C GLY A 190 3.76 -6.66 -11.73
N MET A 191 4.18 -5.78 -12.62
CA MET A 191 5.39 -5.95 -13.40
C MET A 191 6.60 -5.46 -12.62
N GLU A 192 7.76 -5.99 -12.97
CA GLU A 192 9.00 -5.59 -12.32
C GLU A 192 9.21 -4.08 -12.47
N GLY A 193 9.66 -3.45 -11.38
CA GLY A 193 9.90 -2.02 -11.38
C GLY A 193 8.69 -1.15 -11.09
N ASN A 194 7.49 -1.73 -11.02
CA ASN A 194 6.30 -0.94 -10.74
C ASN A 194 6.39 -0.31 -9.35
N VAL A 195 5.91 0.93 -9.24
CA VAL A 195 5.96 1.70 -8.01
C VAL A 195 4.57 2.20 -7.67
N THR A 196 4.10 1.86 -6.47
CA THR A 196 2.93 2.50 -5.89
C THR A 196 3.40 3.62 -4.97
N PRO A 197 3.27 4.88 -5.37
CA PRO A 197 3.91 5.96 -4.60
C PRO A 197 3.34 6.11 -3.21
N ALA A 198 4.09 6.84 -2.37
CA ALA A 198 3.78 6.95 -0.95
C ALA A 198 2.37 7.45 -0.71
N HIS A 199 1.66 6.77 0.19
CA HIS A 199 0.30 7.11 0.56
C HIS A 199 0.00 6.40 1.86
N TYR A 200 -1.10 6.79 2.50
CA TYR A 200 -1.53 6.12 3.72
C TYR A 200 -2.97 5.63 3.57
N ASP A 201 -3.27 4.54 4.27
CA ASP A 201 -4.58 3.92 4.27
C ASP A 201 -5.18 4.03 5.66
N GLU A 202 -6.51 3.96 5.72
CA GLU A 202 -7.24 4.13 6.96
C GLU A 202 -7.71 2.80 7.57
N GLN A 203 -7.20 1.68 7.08
CA GLN A 203 -7.50 0.38 7.64
C GLN A 203 -6.22 -0.37 7.98
N GLN A 204 -6.35 -1.34 8.88
CA GLN A 204 -5.23 -2.21 9.22
C GLN A 204 -4.98 -3.19 8.07
N ASN A 205 -3.70 -3.42 7.76
CA ASN A 205 -3.33 -4.20 6.60
C ASN A 205 -2.36 -5.30 6.99
N PHE A 206 -2.69 -6.53 6.58
CA PHE A 206 -1.76 -7.65 6.58
C PHE A 206 -1.39 -7.91 5.12
N PHE A 207 -0.13 -7.62 4.80
CA PHE A 207 0.39 -7.58 3.43
C PHE A 207 1.14 -8.90 3.21
N ALA A 208 0.49 -9.84 2.51
CA ALA A 208 0.97 -11.22 2.38
C ALA A 208 1.62 -11.40 1.01
N GLN A 209 2.95 -11.48 1.00
CA GLN A 209 3.68 -11.62 -0.24
C GLN A 209 3.66 -13.07 -0.73
N ILE A 210 3.49 -13.23 -2.04
CA ILE A 210 3.21 -14.54 -2.62
C ILE A 210 4.27 -14.92 -3.64
N LYS A 211 4.47 -14.07 -4.65
CA LYS A 211 5.45 -14.31 -5.70
C LYS A 211 6.30 -13.06 -5.90
N GLY A 212 7.60 -13.26 -6.03
CA GLY A 212 8.52 -12.15 -6.22
C GLY A 212 8.75 -11.38 -4.94
N TYR A 213 9.55 -10.33 -5.06
CA TYR A 213 9.98 -9.53 -3.92
C TYR A 213 9.56 -8.08 -4.11
N LYS A 214 9.10 -7.47 -3.01
CA LYS A 214 8.63 -6.09 -2.99
C LYS A 214 9.33 -5.33 -1.89
N ARG A 215 9.91 -4.18 -2.23
CA ARG A 215 10.53 -3.31 -1.25
C ARG A 215 9.45 -2.38 -0.67
N CYS A 216 9.31 -2.40 0.64
CA CYS A 216 8.27 -1.65 1.35
C CYS A 216 8.92 -0.62 2.24
N ILE A 217 8.67 0.65 1.95
CA ILE A 217 9.20 1.77 2.73
C ILE A 217 8.04 2.44 3.44
N LEU A 218 8.09 2.43 4.77
CA LEU A 218 7.00 2.91 5.60
C LEU A 218 7.43 4.13 6.38
N PHE A 219 6.47 5.05 6.61
CA PHE A 219 6.70 6.27 7.38
C PHE A 219 5.62 6.37 8.45
N PRO A 220 5.99 6.60 9.71
CA PRO A 220 4.98 6.67 10.78
C PRO A 220 4.08 7.88 10.60
N PRO A 221 2.87 7.85 11.18
CA PRO A 221 1.93 8.96 10.98
C PRO A 221 2.46 10.32 11.41
N ASP A 222 3.42 10.38 12.32
CA ASP A 222 3.94 11.67 12.77
C ASP A 222 4.86 12.34 11.75
N GLN A 223 5.04 11.72 10.59
CA GLN A 223 5.79 12.30 9.48
C GLN A 223 4.88 13.06 8.51
N PHE A 224 3.61 13.27 8.88
CA PHE A 224 2.65 14.02 8.08
C PHE A 224 3.26 15.32 7.58
N GLU A 225 4.02 16.00 8.44
CA GLU A 225 4.62 17.28 8.09
C GLU A 225 5.69 17.16 7.01
N CYS A 226 6.30 15.98 6.85
CA CYS A 226 7.38 15.81 5.88
C CYS A 226 6.90 15.26 4.55
N LEU A 227 5.65 14.81 4.45
CA LEU A 227 5.18 14.08 3.29
C LEU A 227 4.07 14.77 2.51
N TYR A 228 3.50 15.84 3.05
CA TYR A 228 2.71 16.80 2.28
C TYR A 228 1.60 16.16 1.43
N PRO A 229 0.61 15.53 2.07
CA PRO A 229 -0.47 14.91 1.30
C PRO A 229 -1.32 15.95 0.58
N TYR A 230 -1.95 15.51 -0.50
CA TYR A 230 -2.82 16.39 -1.26
C TYR A 230 -3.97 16.88 -0.38
N PRO A 231 -4.65 17.96 -0.77
CA PRO A 231 -5.88 18.33 -0.09
C PRO A 231 -6.88 17.18 -0.09
N VAL A 232 -7.66 17.10 0.99
CA VAL A 232 -8.56 15.96 1.18
C VAL A 232 -9.54 15.84 0.02
N HIS A 233 -9.96 16.97 -0.55
CA HIS A 233 -10.90 16.97 -1.66
C HIS A 233 -10.24 16.71 -3.01
N HIS A 234 -8.91 16.61 -3.06
CA HIS A 234 -8.21 16.34 -4.30
C HIS A 234 -8.35 14.87 -4.68
N PRO A 235 -8.44 14.56 -5.97
CA PRO A 235 -8.50 13.14 -6.39
C PRO A 235 -7.39 12.28 -5.82
N CYS A 236 -6.22 12.85 -5.54
CA CYS A 236 -5.10 12.12 -4.98
C CYS A 236 -5.04 12.19 -3.47
N ASP A 237 -6.17 12.44 -2.82
CA ASP A 237 -6.31 12.41 -1.36
C ASP A 237 -5.57 11.21 -0.78
N ARG A 238 -4.85 11.43 0.31
N ARG A 238 -4.85 11.42 0.33
CA ARG A 238 -4.06 10.45 1.08
CA ARG A 238 -4.07 10.42 1.07
C ARG A 238 -2.74 10.09 0.41
C ARG A 238 -2.73 10.09 0.42
N GLN A 239 -2.42 10.67 -0.74
CA GLN A 239 -1.14 10.45 -1.39
C GLN A 239 -0.19 11.61 -1.13
N SER A 240 1.10 11.31 -1.06
CA SER A 240 2.10 12.34 -0.86
C SER A 240 2.30 13.12 -2.15
N GLN A 241 2.36 14.45 -2.03
CA GLN A 241 2.64 15.30 -3.19
C GLN A 241 4.09 15.23 -3.64
N VAL A 242 4.98 14.68 -2.82
CA VAL A 242 6.42 14.72 -3.11
C VAL A 242 6.75 13.67 -4.16
N ASP A 243 7.45 14.10 -5.21
CA ASP A 243 8.02 13.18 -6.19
C ASP A 243 9.28 12.59 -5.57
N PHE A 244 9.20 11.33 -5.15
CA PHE A 244 10.34 10.67 -4.51
C PHE A 244 11.55 10.60 -5.43
N ASP A 245 11.35 10.64 -6.75
CA ASP A 245 12.44 10.62 -7.70
C ASP A 245 13.01 12.00 -7.99
N ASN A 246 12.29 13.07 -7.65
CA ASN A 246 12.76 14.44 -7.85
C ASN A 246 12.10 15.35 -6.83
N PRO A 247 12.49 15.24 -5.56
CA PRO A 247 11.81 16.00 -4.50
C PRO A 247 12.07 17.50 -4.63
N ASP A 248 10.98 18.28 -4.68
CA ASP A 248 11.03 19.73 -4.75
C ASP A 248 11.17 20.27 -3.33
N TYR A 249 12.41 20.52 -2.92
CA TYR A 249 12.67 20.97 -1.55
C TYR A 249 12.17 22.39 -1.29
N GLU A 250 11.92 23.17 -2.33
CA GLU A 250 11.36 24.50 -2.13
C GLU A 250 9.89 24.46 -1.77
N ARG A 251 9.14 23.51 -2.34
CA ARG A 251 7.74 23.33 -1.98
C ARG A 251 7.57 22.47 -0.74
N PHE A 252 8.48 21.51 -0.54
CA PHE A 252 8.34 20.50 0.51
C PHE A 252 9.62 20.43 1.35
N PRO A 253 9.96 21.50 2.07
CA PRO A 253 11.27 21.54 2.75
C PRO A 253 11.45 20.48 3.82
N ASN A 254 10.39 20.03 4.48
CA ASN A 254 10.53 19.05 5.54
C ASN A 254 10.71 17.63 5.02
N PHE A 255 10.61 17.41 3.70
CA PHE A 255 10.97 16.12 3.14
C PHE A 255 12.46 15.85 3.30
N GLN A 256 13.26 16.88 3.56
CA GLN A 256 14.66 16.72 3.93
C GLN A 256 14.83 16.15 5.33
N ASN A 257 13.75 16.00 6.09
CA ASN A 257 13.79 15.48 7.45
C ASN A 257 13.17 14.09 7.59
N VAL A 258 12.62 13.54 6.51
CA VAL A 258 11.84 12.31 6.62
C VAL A 258 12.78 11.13 6.81
N VAL A 259 12.38 10.19 7.66
CA VAL A 259 13.09 8.93 7.88
C VAL A 259 12.07 7.80 7.75
N GLY A 260 12.42 6.78 6.98
CA GLY A 260 11.53 5.69 6.70
C GLY A 260 11.91 4.39 7.41
N TYR A 261 10.97 3.45 7.36
CA TYR A 261 11.21 2.07 7.77
C TYR A 261 11.12 1.19 6.53
N GLU A 262 12.14 0.36 6.33
CA GLU A 262 12.32 -0.33 5.06
C GLU A 262 12.46 -1.83 5.28
N THR A 263 11.90 -2.60 4.34
CA THR A 263 12.09 -4.04 4.31
C THR A 263 11.79 -4.53 2.89
N VAL A 264 12.25 -5.75 2.61
CA VAL A 264 11.93 -6.47 1.37
C VAL A 264 11.22 -7.75 1.77
N VAL A 265 9.99 -7.91 1.29
CA VAL A 265 9.19 -9.10 1.58
C VAL A 265 9.23 -10.03 0.38
N GLY A 266 9.37 -11.32 0.65
CA GLY A 266 9.34 -12.32 -0.38
C GLY A 266 8.25 -13.33 -0.10
N PRO A 267 8.19 -14.40 -0.91
CA PRO A 267 7.13 -15.39 -0.74
C PRO A 267 7.08 -15.95 0.69
N GLY A 268 5.89 -15.91 1.28
CA GLY A 268 5.67 -16.39 2.62
C GLY A 268 5.73 -15.33 3.70
N ASP A 269 6.26 -14.16 3.38
CA ASP A 269 6.33 -13.07 4.35
C ASP A 269 5.00 -12.35 4.46
N VAL A 270 4.69 -11.90 5.67
CA VAL A 270 3.50 -11.10 5.94
C VAL A 270 3.94 -9.83 6.64
N LEU A 271 3.69 -8.69 6.01
CA LEU A 271 4.04 -7.40 6.56
C LEU A 271 2.80 -6.74 7.15
N TYR A 272 2.85 -6.40 8.42
CA TYR A 272 1.79 -5.62 9.05
C TYR A 272 2.06 -4.14 8.78
N ILE A 273 1.20 -3.51 7.99
CA ILE A 273 1.23 -2.07 7.79
C ILE A 273 0.16 -1.46 8.69
N PRO A 274 0.53 -0.81 9.79
CA PRO A 274 -0.49 -0.27 10.69
C PRO A 274 -1.29 0.82 10.01
N MET A 275 -2.52 1.00 10.48
N MET A 275 -2.52 1.00 10.46
CA MET A 275 -3.41 2.03 9.96
CA MET A 275 -3.39 2.01 9.87
C MET A 275 -2.75 3.40 10.03
C MET A 275 -2.74 3.38 10.00
N TYR A 276 -2.99 4.21 8.99
CA TYR A 276 -2.48 5.57 8.83
C TYR A 276 -0.97 5.65 8.61
N TRP A 277 -0.27 4.53 8.54
CA TRP A 277 1.16 4.55 8.23
C TRP A 277 1.37 4.74 6.73
N TRP A 278 2.19 5.71 6.37
CA TRP A 278 2.58 5.87 4.97
C TRP A 278 3.31 4.62 4.50
N HIS A 279 3.12 4.26 3.23
CA HIS A 279 3.90 3.19 2.64
C HIS A 279 4.16 3.45 1.17
N HIS A 280 5.39 3.19 0.76
CA HIS A 280 5.85 3.24 -0.61
C HIS A 280 6.26 1.83 -1.00
N ILE A 281 5.60 1.27 -2.01
CA ILE A 281 5.77 -0.14 -2.37
C ILE A 281 6.26 -0.20 -3.81
N GLU A 282 7.35 -0.95 -4.02
CA GLU A 282 7.90 -1.11 -5.35
C GLU A 282 8.33 -2.55 -5.58
N SER A 283 8.02 -3.05 -6.77
CA SER A 283 8.47 -4.37 -7.20
C SER A 283 9.90 -4.25 -7.72
N LEU A 284 10.78 -5.11 -7.20
CA LEU A 284 12.21 -4.95 -7.43
C LEU A 284 12.53 -4.97 -8.92
N LEU A 285 13.50 -4.14 -9.30
CA LEU A 285 13.96 -4.09 -10.68
C LEU A 285 14.48 -5.45 -11.12
N ASN A 286 14.08 -5.87 -12.31
CA ASN A 286 14.58 -7.12 -12.92
C ASN A 286 14.28 -8.34 -12.04
N GLY A 287 13.22 -8.27 -11.23
CA GLY A 287 12.86 -9.35 -10.35
C GLY A 287 11.67 -10.18 -10.77
N GLY A 288 11.15 -9.98 -11.98
CA GLY A 288 9.97 -10.72 -12.42
C GLY A 288 8.69 -10.10 -11.89
N ILE A 289 7.58 -10.74 -12.24
CA ILE A 289 6.28 -10.27 -11.75
C ILE A 289 6.17 -10.53 -10.26
N THR A 290 5.31 -9.76 -9.61
CA THR A 290 5.05 -9.89 -8.18
C THR A 290 3.58 -10.18 -7.95
N ILE A 291 3.30 -10.99 -6.93
CA ILE A 291 1.94 -11.31 -6.52
C ILE A 291 1.80 -11.06 -5.03
N THR A 292 0.74 -10.36 -4.66
CA THR A 292 0.46 -10.02 -3.27
C THR A 292 -1.04 -10.13 -3.04
N VAL A 293 -1.42 -10.61 -1.86
CA VAL A 293 -2.79 -10.55 -1.39
C VAL A 293 -2.80 -9.77 -0.08
N ASN A 294 -3.67 -8.76 0.00
CA ASN A 294 -3.82 -7.94 1.19
C ASN A 294 -5.06 -8.36 1.97
N PHE A 295 -5.00 -8.17 3.28
CA PHE A 295 -6.10 -8.42 4.20
C PHE A 295 -6.37 -7.13 4.96
N TRP A 296 -7.48 -6.47 4.62
N TRP A 296 -7.46 -6.45 4.61
CA TRP A 296 -7.85 -5.19 5.20
CA TRP A 296 -7.77 -5.16 5.22
C TRP A 296 -8.85 -5.39 6.33
C TRP A 296 -8.85 -5.31 6.28
N TYR A 297 -8.58 -4.76 7.46
CA TYR A 297 -9.51 -4.76 8.59
C TYR A 297 -9.72 -3.34 9.05
N LYS A 298 -10.99 -2.99 9.29
CA LYS A 298 -11.28 -1.71 9.91
C LYS A 298 -10.72 -1.68 11.33
N GLY A 299 -10.06 -0.58 11.68
CA GLY A 299 -9.44 -0.45 12.98
C GLY A 299 -10.44 -0.53 14.11
N ALA A 300 -9.90 -0.69 15.32
CA ALA A 300 -10.74 -0.78 16.50
C ALA A 300 -11.46 0.54 16.74
N PRO A 301 -12.71 0.51 17.22
CA PRO A 301 -13.44 1.76 17.47
C PRO A 301 -12.74 2.60 18.52
N THR A 302 -12.79 3.93 18.32
CA THR A 302 -12.02 4.83 19.17
C THR A 302 -12.52 4.78 20.61
N PRO A 303 -11.63 4.83 21.59
CA PRO A 303 -12.05 4.69 22.99
C PRO A 303 -13.05 5.77 23.38
N LYS A 304 -13.92 5.41 24.33
CA LYS A 304 -15.05 6.27 24.68
C LYS A 304 -14.58 7.60 25.26
N ARG A 305 -13.74 7.54 26.29
CA ARG A 305 -13.10 8.73 26.83
C ARG A 305 -11.70 8.85 26.26
N ILE A 306 -11.26 10.08 26.07
CA ILE A 306 -10.03 10.38 25.34
C ILE A 306 -8.83 10.34 26.27
N GLU A 307 -7.73 9.79 25.78
CA GLU A 307 -6.46 9.74 26.50
C GLU A 307 -5.50 10.75 25.86
N TYR A 308 -4.99 11.65 26.65
CA TYR A 308 -4.05 12.62 26.14
C TYR A 308 -2.63 12.28 26.58
N PRO A 309 -1.60 12.63 25.80
CA PRO A 309 -1.69 13.33 24.51
C PRO A 309 -2.27 12.45 23.41
N LEU A 310 -2.70 13.06 22.31
CA LEU A 310 -3.32 12.31 21.24
C LEU A 310 -2.26 11.53 20.46
N LYS A 311 -2.68 10.41 19.90
CA LYS A 311 -1.85 9.71 18.93
C LYS A 311 -1.76 10.52 17.64
N ALA A 312 -0.66 10.31 16.91
CA ALA A 312 -0.44 11.08 15.70
C ALA A 312 -1.56 10.87 14.68
N HIS A 313 -2.02 9.62 14.53
CA HIS A 313 -3.07 9.34 13.57
C HIS A 313 -4.40 9.95 13.97
N GLN A 314 -4.61 10.21 15.26
CA GLN A 314 -5.80 10.93 15.68
C GLN A 314 -5.75 12.38 15.21
N LYS A 315 -4.58 13.03 15.33
CA LYS A 315 -4.43 14.37 14.80
C LYS A 315 -4.58 14.41 13.29
N VAL A 316 -4.13 13.35 12.60
CA VAL A 316 -4.34 13.25 11.16
C VAL A 316 -5.82 13.22 10.84
N ALA A 317 -6.57 12.38 11.56
CA ALA A 317 -8.02 12.29 11.36
C ALA A 317 -8.69 13.62 11.68
N ILE A 318 -8.20 14.32 12.71
CA ILE A 318 -8.75 15.63 13.05
C ILE A 318 -8.57 16.60 11.88
N MET A 319 -7.38 16.61 11.28
CA MET A 319 -7.13 17.50 10.15
C MET A 319 -8.00 17.14 8.95
N ARG A 320 -8.17 15.85 8.68
CA ARG A 320 -9.05 15.43 7.60
C ARG A 320 -10.47 15.94 7.81
N ASN A 321 -10.97 15.85 9.04
N ASN A 321 -10.96 15.85 9.05
CA ASN A 321 -12.34 16.23 9.32
CA ASN A 321 -12.34 16.23 9.33
C ASN A 321 -12.55 17.73 9.21
C ASN A 321 -12.55 17.74 9.20
N ILE A 322 -11.55 18.52 9.60
CA ILE A 322 -11.63 19.97 9.45
C ILE A 322 -11.78 20.32 7.97
N GLU A 323 -10.96 19.70 7.13
CA GLU A 323 -11.01 19.97 5.69
C GLU A 323 -12.35 19.55 5.09
N LYS A 324 -12.84 18.37 5.48
CA LYS A 324 -14.14 17.91 5.00
C LYS A 324 -15.25 18.86 5.43
N MET A 325 -15.38 19.08 6.75
CA MET A 325 -16.44 19.93 7.26
C MET A 325 -16.37 21.34 6.71
N LEU A 326 -15.16 21.85 6.46
CA LEU A 326 -15.04 23.19 5.88
C LEU A 326 -15.53 23.20 4.44
N GLY A 327 -15.26 22.14 3.68
CA GLY A 327 -15.74 22.09 2.31
C GLY A 327 -17.25 22.10 2.22
N GLU A 328 -17.91 21.40 3.14
CA GLU A 328 -19.37 21.37 3.16
C GLU A 328 -19.93 22.70 3.65
N ALA A 329 -19.32 23.29 4.68
CA ALA A 329 -19.83 24.55 5.22
C ALA A 329 -19.74 25.67 4.20
N LEU A 330 -18.63 25.74 3.46
CA LEU A 330 -18.45 26.79 2.47
C LEU A 330 -19.22 26.52 1.18
N GLY A 331 -19.63 25.27 0.96
CA GLY A 331 -20.33 24.89 -0.25
C GLY A 331 -19.44 24.57 -1.44
N ASN A 332 -18.16 24.85 -1.36
CA ASN A 332 -17.24 24.64 -2.47
C ASN A 332 -15.86 24.26 -1.92
N PRO A 333 -15.34 23.07 -2.25
CA PRO A 333 -14.03 22.67 -1.73
C PRO A 333 -12.89 23.60 -2.15
N GLN A 334 -13.07 24.39 -3.21
CA GLN A 334 -11.98 25.24 -3.67
C GLN A 334 -11.74 26.44 -2.76
N GLU A 335 -12.69 26.76 -1.89
CA GLU A 335 -12.53 27.86 -0.94
C GLU A 335 -11.92 27.42 0.38
N VAL A 336 -11.65 26.11 0.55
CA VAL A 336 -11.07 25.63 1.80
C VAL A 336 -9.71 26.27 2.04
N GLY A 337 -8.85 26.24 1.03
CA GLY A 337 -7.52 26.79 1.12
C GLY A 337 -7.46 28.25 1.53
N PRO A 338 -8.11 29.12 0.75
CA PRO A 338 -8.08 30.55 1.11
C PRO A 338 -8.63 30.87 2.49
N LEU A 339 -9.64 30.14 2.97
CA LEU A 339 -10.14 30.40 4.31
C LEU A 339 -9.12 29.97 5.37
N LEU A 340 -8.48 28.81 5.17
CA LEU A 340 -7.47 28.35 6.11
C LEU A 340 -6.29 29.32 6.17
N ASN A 341 -5.86 29.85 5.02
CA ASN A 341 -4.80 30.84 5.02
C ASN A 341 -5.24 32.12 5.70
N THR A 342 -6.46 32.57 5.40
CA THR A 342 -7.04 33.71 6.10
C THR A 342 -7.03 33.50 7.60
N MET A 343 -7.25 32.26 8.04
CA MET A 343 -7.36 31.97 9.47
C MET A 343 -6.01 32.10 10.17
N ILE A 344 -4.93 31.64 9.54
CA ILE A 344 -3.65 31.53 10.23
C ILE A 344 -2.66 32.64 9.89
N LYS A 345 -2.77 33.27 8.72
CA LYS A 345 -1.81 34.28 8.29
C LYS A 345 -1.76 35.43 9.28
N GLY A 346 -0.60 35.63 9.90
CA GLY A 346 -0.44 36.68 10.89
C GLY A 346 -1.18 36.45 12.19
N ARG A 347 -1.69 35.25 12.42
CA ARG A 347 -2.41 34.91 13.64
C ARG A 347 -1.81 33.71 14.34
N TYR A 348 -1.45 32.66 13.60
CA TYR A 348 -0.83 31.48 14.18
C TYR A 348 0.51 31.12 13.55
N ASN A 349 0.98 31.88 12.56
CA ASN A 349 2.21 31.50 11.85
C ASN A 349 3.32 32.55 12.01
S SO4 B . 1.14 15.49 13.65
O1 SO4 B . 0.79 16.89 13.90
O2 SO4 B . -0.03 14.79 13.09
O3 SO4 B . 2.24 15.42 12.69
O4 SO4 B . 1.53 14.85 14.90
S SO4 C . 10.18 4.07 -16.25
O1 SO4 C . 10.73 5.14 -17.07
O2 SO4 C . 9.26 3.25 -17.05
O3 SO4 C . 9.45 4.65 -15.14
O4 SO4 C . 11.26 3.22 -15.77
C1 GOL D . -16.01 -24.24 -11.14
O1 GOL D . -16.20 -22.87 -10.98
C2 GOL D . -14.53 -24.45 -11.57
O2 GOL D . -14.26 -25.76 -11.91
C3 GOL D . -14.31 -23.47 -12.74
O3 GOL D . -12.98 -23.60 -13.13
C1 GOL E . -13.51 -16.72 7.15
O1 GOL E . -13.13 -15.39 7.06
C2 GOL E . -12.97 -17.44 5.89
O2 GOL E . -13.35 -16.77 4.73
C3 GOL E . -13.56 -18.86 5.96
O3 GOL E . -13.34 -19.33 7.24
C1 GOL F . 8.06 -13.44 -14.22
O1 GOL F . 9.25 -14.05 -13.80
C2 GOL F . 8.26 -13.02 -15.69
O2 GOL F . 7.27 -13.53 -16.51
C3 GOL F . 8.26 -11.47 -15.66
O3 GOL F . 9.16 -11.05 -16.63
C1 GOL G . -4.71 5.20 -3.94
O1 GOL G . -5.49 5.70 -2.89
C2 GOL G . -4.09 3.86 -3.45
O2 GOL G . -4.94 3.25 -2.53
C3 GOL G . -3.92 2.97 -4.72
O3 GOL G . -4.98 2.05 -4.70
C1 GOL H . 10.18 -4.33 20.40
O1 GOL H . 9.42 -5.49 20.70
C2 GOL H . 10.65 -4.48 18.92
O2 GOL H . 11.60 -3.52 18.57
C3 GOL H . 11.20 -5.93 18.83
O3 GOL H . 12.04 -5.95 17.71
C1 GOL I . -15.88 -6.34 -6.13
O1 GOL I . -15.16 -7.36 -6.78
C2 GOL I . -15.54 -5.00 -6.84
O2 GOL I . -14.52 -4.32 -6.18
C3 GOL I . -15.14 -5.41 -8.29
O3 GOL I . -14.00 -4.64 -8.61
C1 GOL J . -14.65 -14.72 0.41
O1 GOL J . -15.71 -15.48 0.96
C2 GOL J . -14.62 -15.03 -1.10
O2 GOL J . -13.57 -14.37 -1.75
C3 GOL J . -14.49 -16.58 -1.19
O3 GOL J . -13.58 -16.83 -2.23
ZN ZN K . -2.15 1.37 0.54
C13 VK6 L . -6.17 1.07 0.71
C17 VK6 L . -9.32 -0.95 2.42
C20 VK6 L . -11.55 -0.28 0.93
C21 VK6 L . -10.64 0.71 1.29
C24 VK6 L . -7.85 2.61 -0.04
C02 VK6 L . 1.28 -2.22 -3.60
C03 VK6 L . 0.79 -1.15 -2.62
C04 VK6 L . -0.74 -0.97 -2.64
C07 VK6 L . -1.63 -1.39 -3.69
C09 VK6 L . -2.98 -0.32 -1.87
C11 VK6 L . -5.38 0.13 -1.56
C12 VK6 L . -6.55 0.69 -0.69
C16 VK6 L . -9.52 0.37 2.04
C18 VK6 L . -10.23 -1.93 2.06
C19 VK6 L . -11.34 -1.59 1.31
C25 VK6 L . -7.25 1.88 -1.26
N05 VK6 L . -1.59 -0.31 -1.51
N10 VK6 L . -3.95 0.14 -1.17
N14 VK6 L . -7.28 1.93 1.19
O01 VK6 L . 1.57 -3.37 -3.16
O06 VK6 L . -1.01 0.20 -0.33
O22 VK6 L . -7.54 1.17 3.66
O23 VK6 L . -9.03 2.87 2.90
O26 VK6 L . -5.71 -0.34 -2.60
O27 VK6 L . 1.40 -1.96 -4.82
S08 VK6 L . -3.04 -0.99 -3.25
S15 VK6 L . -8.32 1.64 2.52
S SO4 M . -13.21 10.47 2.10
O1 SO4 M . -14.66 10.38 1.96
O2 SO4 M . -12.74 11.76 1.62
O3 SO4 M . -12.85 10.31 3.52
O4 SO4 M . -12.58 9.40 1.33
S SO4 N . 2.29 8.33 17.98
O1 SO4 N . 2.34 8.04 16.54
O2 SO4 N . 1.40 9.46 18.21
O3 SO4 N . 3.63 8.65 18.46
O4 SO4 N . 1.79 7.15 18.69
S SO4 O . -16.42 1.00 -15.37
O1 SO4 O . -17.76 0.43 -15.42
O2 SO4 O . -16.42 2.33 -15.96
O3 SO4 O . -16.00 1.10 -13.98
O4 SO4 O . -15.51 0.14 -16.11
S SO4 P . 12.64 -2.64 -14.73
O1 SO4 P . 11.74 -1.76 -13.98
O2 SO4 P . 12.06 -2.92 -16.05
O3 SO4 P . 13.93 -1.99 -14.89
O4 SO4 P . 12.81 -3.89 -14.00
S SO4 Q . 14.79 -14.62 8.34
O1 SO4 Q . 13.79 -15.67 8.31
O2 SO4 Q . 14.25 -13.40 7.75
O3 SO4 Q . 15.97 -15.05 7.59
O4 SO4 Q . 15.17 -14.35 9.73
#